data_3RJ8
#
_entry.id   3RJ8
#
_cell.length_a   133.710
_cell.length_b   56.960
_cell.length_c   87.050
_cell.angle_alpha   90.00
_cell.angle_beta   95.85
_cell.angle_gamma   90.00
#
_symmetry.space_group_name_H-M   'C 1 2 1'
#
loop_
_entity.id
_entity.type
_entity.pdbx_description
1 polymer 'Carbohydrate oxidase'
2 branched 2-acetamido-2-deoxy-beta-D-glucopyranose-(1-4)-2-acetamido-2-deoxy-beta-D-glucopyranose
3 non-polymer 'FLAVIN-ADENINE DINUCLEOTIDE'
4 non-polymer 'ZINC ION'
5 non-polymer 'POTASSIUM ION'
6 non-polymer 2-AMINO-2-HYDROXYMETHYL-PROPANE-1,3-DIOL
7 water water
#
_entity_poly.entity_id   1
_entity_poly.type   'polypeptide(L)'
_entity_poly.pdbx_seq_one_letter_code
;GAIEACLSAAGVPIDIPGTADYERDVEPFNIRLPYIPTAIAQTQTTAHIQSAVQCAKKLNLKVSAKSGGHSYASFGFGGE
NGHLMVQLDRMIDVISYNDKTGIAHVEPGARLGHLATVLNDKYGRAISHGTCPGVGISGHFAHGGFGFSSHMHGLAVDSV
VGVTVVLADGRIVEASATENADLFWGIKGAGSNFGIVAVWKLATFPAPKVLTRFGVTLNWKNKTSALKGIEAVEDYARWV
APREVNFRIGDYGAGNPGIEGLYYGTPEQWRAAFQPLLDTLPAGYVVNPTTSLNWIESVLSYSNFDHVDFITPQPVENFY
AKSLTLKSIKGDAVKNFVDYYFDVSNKVKDRFWFYQLDVHGGKNSQVTKVTNAETAYPHRDKLWLIQFYDRYDNNQTYPE
TSFKFLDGWVNSVTKALPKSDWGMYINYADPRMDRDYATKVYYGENLARLQKLKAKFDPTDRFYYPQAVRPVK
;
_entity_poly.pdbx_strand_id   A
#
loop_
_chem_comp.id
_chem_comp.type
_chem_comp.name
_chem_comp.formula
FAD non-polymer 'FLAVIN-ADENINE DINUCLEOTIDE' 'C27 H33 N9 O15 P2'
K non-polymer 'POTASSIUM ION' 'K 1'
NAG D-saccharide, beta linking 2-acetamido-2-deoxy-beta-D-glucopyranose 'C8 H15 N O6'
TRS non-polymer 2-AMINO-2-HYDROXYMETHYL-PROPANE-1,3-DIOL 'C4 H12 N O3 1'
ZN non-polymer 'ZINC ION' 'Zn 2'
#
# COMPACT_ATOMS: atom_id res chain seq x y z
N GLY A 1 -10.50 -16.08 -30.26
CA GLY A 1 -10.51 -17.26 -29.34
C GLY A 1 -11.73 -17.18 -28.46
N ALA A 2 -12.01 -18.25 -27.71
CA ALA A 2 -13.23 -18.31 -26.91
C ALA A 2 -13.48 -17.07 -26.00
N ILE A 3 -12.45 -16.63 -25.27
CA ILE A 3 -12.56 -15.51 -24.31
C ILE A 3 -12.76 -14.16 -24.99
N GLU A 4 -12.07 -13.96 -26.11
CA GLU A 4 -12.22 -12.74 -26.93
C GLU A 4 -13.65 -12.62 -27.44
N ALA A 5 -14.13 -13.66 -28.11
CA ALA A 5 -15.48 -13.73 -28.65
C ALA A 5 -16.51 -13.45 -27.57
N CYS A 6 -16.36 -14.14 -26.43
CA CYS A 6 -17.20 -13.98 -25.26
C CYS A 6 -17.28 -12.54 -24.72
N LEU A 7 -16.12 -11.91 -24.55
CA LEU A 7 -16.04 -10.50 -24.13
C LEU A 7 -16.71 -9.56 -25.13
N SER A 8 -16.46 -9.79 -26.42
CA SER A 8 -17.01 -8.96 -27.51
C SER A 8 -18.52 -9.01 -27.58
N ALA A 9 -19.08 -10.21 -27.42
CA ALA A 9 -20.52 -10.38 -27.48
C ALA A 9 -21.18 -9.61 -26.35
N ALA A 10 -20.52 -9.56 -25.20
CA ALA A 10 -20.98 -8.79 -24.04
C ALA A 10 -20.69 -7.28 -24.11
N GLY A 11 -20.06 -6.83 -25.20
CA GLY A 11 -19.77 -5.39 -25.39
C GLY A 11 -18.58 -4.90 -24.58
N VAL A 12 -17.71 -5.82 -24.17
CA VAL A 12 -16.57 -5.48 -23.31
C VAL A 12 -15.34 -5.24 -24.20
N PRO A 13 -14.77 -4.01 -24.17
CA PRO A 13 -13.56 -3.70 -24.93
C PRO A 13 -12.40 -4.59 -24.54
N ILE A 14 -11.62 -5.02 -25.51
CA ILE A 14 -10.51 -5.93 -25.26
C ILE A 14 -9.23 -5.38 -25.85
N ASP A 15 -8.11 -5.53 -25.13
CA ASP A 15 -6.84 -5.13 -25.70
C ASP A 15 -6.37 -6.14 -26.72
N ILE A 16 -5.92 -5.63 -27.87
CA ILE A 16 -5.43 -6.44 -28.98
C ILE A 16 -3.92 -6.46 -28.93
N PRO A 17 -3.32 -7.66 -28.79
CA PRO A 17 -1.85 -7.76 -28.80
C PRO A 17 -1.33 -7.06 -30.04
N GLY A 18 -0.28 -6.25 -29.86
CA GLY A 18 0.29 -5.46 -30.95
C GLY A 18 -0.13 -4.01 -31.02
N THR A 19 -1.15 -3.64 -30.23
CA THR A 19 -1.56 -2.22 -30.16
C THR A 19 -0.90 -1.47 -28.99
N ALA A 20 -0.98 -0.14 -29.05
CA ALA A 20 -0.45 0.72 -28.00
C ALA A 20 -1.13 0.48 -26.64
N ASP A 21 -2.46 0.32 -26.65
CA ASP A 21 -3.24 0.03 -25.44
C ASP A 21 -2.80 -1.28 -24.76
N TYR A 22 -2.62 -2.32 -25.56
CA TYR A 22 -2.12 -3.61 -25.06
C TYR A 22 -0.73 -3.48 -24.44
N GLU A 23 0.17 -2.80 -25.15
CA GLU A 23 1.53 -2.62 -24.68
CA GLU A 23 1.54 -2.56 -24.70
C GLU A 23 1.58 -1.87 -23.34
N ARG A 24 0.73 -0.86 -23.19
CA ARG A 24 0.64 -0.08 -21.97
C ARG A 24 0.05 -0.89 -20.84
N ASP A 25 -1.10 -1.54 -21.11
CA ASP A 25 -1.87 -2.23 -20.07
C ASP A 25 -1.21 -3.51 -19.56
N VAL A 26 -0.36 -4.12 -20.39
CA VAL A 26 0.26 -5.41 -20.06
C VAL A 26 1.61 -5.21 -19.33
N GLU A 27 2.10 -3.98 -19.34
CA GLU A 27 3.34 -3.66 -18.65
C GLU A 27 3.19 -3.63 -17.12
N PRO A 28 3.92 -4.51 -16.40
CA PRO A 28 3.88 -4.51 -14.94
C PRO A 28 4.61 -3.28 -14.39
N PHE A 29 4.22 -2.80 -13.20
CA PHE A 29 5.05 -1.77 -12.55
C PHE A 29 6.44 -2.33 -12.20
N ASN A 30 6.46 -3.56 -11.68
CA ASN A 30 7.71 -4.26 -11.43
C ASN A 30 8.07 -5.16 -12.63
N ILE A 31 8.96 -4.68 -13.49
CA ILE A 31 9.30 -5.44 -14.71
C ILE A 31 10.13 -6.71 -14.43
N ARG A 32 10.62 -6.86 -13.21
CA ARG A 32 11.08 -8.14 -12.72
C ARG A 32 10.00 -9.21 -12.87
N LEU A 33 8.72 -8.85 -12.74
CA LEU A 33 7.67 -9.86 -12.89
C LEU A 33 6.61 -9.54 -13.96
N PRO A 34 6.92 -9.79 -15.25
CA PRO A 34 5.90 -9.71 -16.28
C PRO A 34 5.05 -10.98 -16.29
N TYR A 35 3.76 -10.85 -16.53
CA TYR A 35 2.93 -12.03 -16.76
C TYR A 35 2.08 -11.82 -17.99
N ILE A 36 1.64 -12.92 -18.58
CA ILE A 36 0.91 -12.87 -19.82
C ILE A 36 -0.53 -13.33 -19.59
N PRO A 37 -1.49 -12.39 -19.46
CA PRO A 37 -2.88 -12.81 -19.30
C PRO A 37 -3.40 -13.43 -20.60
N THR A 38 -4.46 -14.22 -20.50
CA THR A 38 -5.01 -14.79 -21.72
C THR A 38 -5.73 -13.71 -22.58
N ALA A 39 -6.22 -12.68 -21.89
CA ALA A 39 -6.88 -11.54 -22.51
C ALA A 39 -6.98 -10.45 -21.48
N ILE A 40 -7.08 -9.21 -21.96
CA ILE A 40 -7.23 -8.04 -21.13
C ILE A 40 -8.53 -7.31 -21.47
N ALA A 41 -9.48 -7.35 -20.53
CA ALA A 41 -10.72 -6.60 -20.65
C ALA A 41 -10.50 -5.19 -20.10
N GLN A 42 -10.55 -4.20 -20.98
CA GLN A 42 -10.34 -2.80 -20.60
C GLN A 42 -11.71 -2.19 -20.32
N THR A 43 -12.16 -2.30 -19.07
CA THR A 43 -13.54 -1.98 -18.75
C THR A 43 -13.82 -0.49 -18.62
N GLN A 44 -15.04 -0.11 -19.01
CA GLN A 44 -15.54 1.25 -18.92
C GLN A 44 -16.68 1.41 -17.87
N THR A 45 -17.37 0.31 -17.55
CA THR A 45 -18.56 0.37 -16.68
C THR A 45 -18.60 -0.77 -15.66
N THR A 46 -19.46 -0.65 -14.65
CA THR A 46 -19.70 -1.75 -13.74
C THR A 46 -20.16 -3.00 -14.49
N ALA A 47 -21.04 -2.81 -15.48
CA ALA A 47 -21.55 -3.91 -16.33
C ALA A 47 -20.44 -4.69 -17.04
N HIS A 48 -19.46 -3.96 -17.62
CA HIS A 48 -18.29 -4.61 -18.24
C HIS A 48 -17.58 -5.52 -17.24
N ILE A 49 -17.26 -4.97 -16.06
CA ILE A 49 -16.65 -5.72 -14.96
C ILE A 49 -17.43 -7.02 -14.67
N GLN A 50 -18.77 -6.92 -14.56
CA GLN A 50 -19.63 -8.08 -14.34
C GLN A 50 -19.63 -9.08 -15.51
N SER A 51 -19.62 -8.53 -16.74
CA SER A 51 -19.54 -9.38 -17.92
C SER A 51 -18.23 -10.14 -17.96
N ALA A 52 -17.13 -9.45 -17.67
CA ALA A 52 -15.81 -10.08 -17.62
C ALA A 52 -15.82 -11.25 -16.65
N VAL A 53 -16.29 -11.01 -15.43
CA VAL A 53 -16.41 -12.08 -14.43
C VAL A 53 -17.28 -13.23 -14.95
N GLN A 54 -18.40 -12.90 -15.59
CA GLN A 54 -19.25 -13.92 -16.25
C GLN A 54 -18.49 -14.79 -17.25
N CYS A 55 -17.71 -14.14 -18.11
CA CYS A 55 -16.92 -14.83 -19.11
C CYS A 55 -15.90 -15.76 -18.48
N ALA A 56 -15.29 -15.33 -17.37
CA ALA A 56 -14.35 -16.15 -16.62
C ALA A 56 -15.02 -17.43 -16.15
N LYS A 57 -16.24 -17.26 -15.62
CA LYS A 57 -17.05 -18.37 -15.13
C LYS A 57 -17.37 -19.41 -16.21
N LYS A 58 -17.86 -18.96 -17.36
CA LYS A 58 -18.22 -19.90 -18.42
CA LYS A 58 -18.21 -19.84 -18.48
C LYS A 58 -17.01 -20.58 -19.08
N LEU A 59 -15.86 -19.91 -19.11
CA LEU A 59 -14.68 -20.52 -19.71
C LEU A 59 -13.72 -21.14 -18.69
N ASN A 60 -14.16 -21.17 -17.43
CA ASN A 60 -13.36 -21.71 -16.32
C ASN A 60 -11.95 -21.10 -16.25
N LEU A 61 -11.90 -19.77 -16.21
CA LEU A 61 -10.64 -19.06 -16.12
C LEU A 61 -10.55 -18.44 -14.73
N LYS A 62 -9.32 -18.13 -14.29
CA LYS A 62 -9.13 -17.31 -13.11
C LYS A 62 -9.20 -15.85 -13.56
N VAL A 63 -9.77 -15.00 -12.73
CA VAL A 63 -9.87 -13.58 -13.08
C VAL A 63 -9.17 -12.68 -12.02
N SER A 64 -8.46 -11.65 -12.50
CA SER A 64 -7.73 -10.72 -11.64
C SER A 64 -7.92 -9.26 -12.08
N ALA A 65 -8.18 -8.38 -11.10
CA ALA A 65 -8.36 -6.96 -11.38
C ALA A 65 -7.03 -6.25 -11.28
N LYS A 66 -6.77 -5.35 -12.22
CA LYS A 66 -5.61 -4.50 -12.07
C LYS A 66 -6.09 -3.07 -12.11
N SER A 67 -5.69 -2.29 -11.10
CA SER A 67 -6.16 -0.92 -10.91
C SER A 67 -5.02 0.02 -11.33
N GLY A 68 -4.11 0.35 -10.41
CA GLY A 68 -2.91 1.12 -10.78
C GLY A 68 -1.71 0.25 -11.14
N GLY A 69 -1.87 -1.07 -10.97
CA GLY A 69 -0.83 -2.03 -11.30
C GLY A 69 0.43 -1.90 -10.48
N HIS A 70 0.31 -1.37 -9.26
CA HIS A 70 1.48 -1.16 -8.43
C HIS A 70 1.91 -2.35 -7.55
N SER A 71 1.15 -3.44 -7.57
CA SER A 71 1.49 -4.65 -6.81
C SER A 71 2.95 -5.04 -7.01
N TYR A 72 3.71 -5.05 -5.92
CA TYR A 72 5.14 -5.44 -5.99
C TYR A 72 5.38 -6.85 -6.55
N ALA A 73 4.36 -7.70 -6.46
CA ALA A 73 4.39 -9.07 -6.99
C ALA A 73 3.65 -9.23 -8.36
N SER A 74 3.25 -8.10 -8.96
CA SER A 74 2.39 -8.11 -10.17
C SER A 74 1.09 -8.92 -9.99
N PHE A 75 0.54 -8.91 -8.77
CA PHE A 75 -0.66 -9.69 -8.47
C PHE A 75 -1.91 -9.24 -9.26
N GLY A 76 -1.92 -7.98 -9.71
CA GLY A 76 -2.97 -7.51 -10.63
C GLY A 76 -3.18 -8.40 -11.87
N PHE A 77 -2.09 -9.06 -12.28
CA PHE A 77 -2.10 -10.05 -13.37
C PHE A 77 -2.60 -11.42 -12.92
N GLY A 78 -2.58 -11.69 -11.63
CA GLY A 78 -2.86 -13.03 -11.11
C GLY A 78 -1.66 -13.74 -10.53
N GLY A 79 -0.47 -13.16 -10.66
CA GLY A 79 0.73 -13.70 -10.05
C GLY A 79 1.27 -14.90 -10.79
N GLU A 80 0.85 -15.01 -12.06
CA GLU A 80 1.11 -16.16 -12.94
C GLU A 80 0.49 -15.85 -14.31
N ASN A 81 0.87 -16.59 -15.34
CA ASN A 81 0.26 -16.46 -16.67
C ASN A 81 -1.12 -17.09 -16.74
N GLY A 82 -1.98 -16.55 -17.60
CA GLY A 82 -3.22 -17.25 -18.00
C GLY A 82 -4.57 -16.82 -17.44
N HIS A 83 -4.57 -15.74 -16.67
CA HIS A 83 -5.81 -15.21 -16.12
C HIS A 83 -6.48 -14.30 -17.11
N LEU A 84 -7.78 -14.12 -16.92
CA LEU A 84 -8.45 -12.98 -17.48
C LEU A 84 -8.09 -11.76 -16.61
N MET A 85 -7.50 -10.74 -17.22
CA MET A 85 -7.16 -9.52 -16.48
C MET A 85 -8.19 -8.43 -16.73
N VAL A 86 -8.86 -8.03 -15.66
CA VAL A 86 -9.78 -6.92 -15.71
C VAL A 86 -9.00 -5.65 -15.41
N GLN A 87 -8.61 -4.97 -16.50
CA GLN A 87 -7.87 -3.71 -16.49
C GLN A 87 -8.79 -2.51 -16.19
N LEU A 88 -8.60 -1.90 -15.02
CA LEU A 88 -9.56 -0.90 -14.51
C LEU A 88 -9.18 0.56 -14.72
N ASP A 89 -7.96 0.81 -15.23
CA ASP A 89 -7.39 2.15 -15.16
C ASP A 89 -7.94 3.19 -16.15
N ARG A 90 -9.00 2.86 -16.88
CA ARG A 90 -9.72 3.88 -17.67
C ARG A 90 -10.93 4.40 -16.92
N MET A 91 -11.24 3.78 -15.81
CA MET A 91 -12.36 4.19 -14.96
C MET A 91 -11.84 5.08 -13.85
N ILE A 92 -11.84 6.39 -14.10
CA ILE A 92 -11.05 7.29 -13.26
C ILE A 92 -11.84 8.35 -12.51
N ASP A 93 -13.17 8.34 -12.63
CA ASP A 93 -13.96 9.48 -12.17
C ASP A 93 -14.42 9.41 -10.72
N VAL A 94 -14.49 10.59 -10.09
CA VAL A 94 -15.29 10.79 -8.90
C VAL A 94 -16.73 10.86 -9.43
N ILE A 95 -17.45 9.76 -9.26
CA ILE A 95 -18.79 9.58 -9.78
C ILE A 95 -19.71 10.69 -9.24
N SER A 96 -19.60 10.93 -7.94
CA SER A 96 -20.45 11.91 -7.24
C SER A 96 -19.77 12.36 -5.95
N TYR A 97 -20.13 13.55 -5.52
CA TYR A 97 -19.76 14.03 -4.19
C TYR A 97 -21.01 14.56 -3.51
N ASN A 98 -21.16 14.30 -2.23
CA ASN A 98 -22.28 14.80 -1.45
C ASN A 98 -21.76 15.86 -0.47
N ASP A 99 -22.15 17.12 -0.67
CA ASP A 99 -21.67 18.20 0.19
C ASP A 99 -22.33 18.24 1.56
N LYS A 100 -23.33 17.40 1.77
CA LYS A 100 -23.89 17.29 3.11
C LYS A 100 -23.11 16.36 4.04
N THR A 101 -22.63 15.24 3.48
CA THR A 101 -21.95 14.23 4.28
C THR A 101 -20.43 14.25 4.07
N GLY A 102 -19.99 14.73 2.91
CA GLY A 102 -18.59 14.68 2.55
C GLY A 102 -18.17 13.34 1.92
N ILE A 103 -19.16 12.54 1.54
CA ILE A 103 -18.90 11.23 0.95
C ILE A 103 -18.78 11.33 -0.58
N ALA A 104 -17.66 10.86 -1.11
CA ALA A 104 -17.43 10.76 -2.55
C ALA A 104 -17.58 9.32 -3.03
N HIS A 105 -18.24 9.16 -4.18
CA HIS A 105 -18.25 7.87 -4.88
C HIS A 105 -17.20 7.95 -5.98
N VAL A 106 -16.32 6.93 -6.04
CA VAL A 106 -15.17 7.00 -6.93
C VAL A 106 -14.98 5.67 -7.66
N GLU A 107 -14.66 5.76 -8.95
CA GLU A 107 -14.38 4.59 -9.79
C GLU A 107 -13.06 3.87 -9.39
N PRO A 108 -12.95 2.56 -9.69
CA PRO A 108 -11.85 1.76 -9.13
C PRO A 108 -10.48 1.88 -9.85
N GLY A 109 -10.40 2.63 -10.94
CA GLY A 109 -9.15 2.81 -11.65
C GLY A 109 -8.48 4.17 -11.43
N ALA A 110 -9.06 5.01 -10.58
CA ALA A 110 -8.45 6.29 -10.20
C ALA A 110 -7.15 6.10 -9.42
N ARG A 111 -6.10 6.75 -9.90
CA ARG A 111 -4.83 6.77 -9.16
C ARG A 111 -4.84 7.86 -8.06
N LEU A 112 -4.07 7.62 -6.99
CA LEU A 112 -4.04 8.53 -5.84
C LEU A 112 -3.80 10.00 -6.20
N GLY A 113 -2.90 10.28 -7.12
CA GLY A 113 -2.68 11.65 -7.55
C GLY A 113 -3.90 12.27 -8.21
N HIS A 114 -4.54 11.50 -9.09
CA HIS A 114 -5.76 11.97 -9.76
C HIS A 114 -6.91 12.16 -8.77
N LEU A 115 -7.10 11.19 -7.86
CA LEU A 115 -8.09 11.32 -6.79
C LEU A 115 -7.90 12.59 -5.93
N ALA A 116 -6.66 12.83 -5.50
CA ALA A 116 -6.37 13.95 -4.65
C ALA A 116 -6.63 15.26 -5.38
N THR A 117 -6.24 15.30 -6.65
CA THR A 117 -6.45 16.47 -7.50
C THR A 117 -7.94 16.80 -7.67
N VAL A 118 -8.75 15.79 -8.00
CA VAL A 118 -10.19 16.03 -8.17
C VAL A 118 -10.87 16.43 -6.86
N LEU A 119 -10.62 15.70 -5.77
CA LEU A 119 -11.24 16.04 -4.50
C LEU A 119 -10.86 17.43 -3.99
N ASN A 120 -9.62 17.83 -4.20
CA ASN A 120 -9.15 19.13 -3.78
C ASN A 120 -9.62 20.26 -4.71
N ASP A 121 -9.25 20.19 -5.99
CA ASP A 121 -9.59 21.23 -6.96
C ASP A 121 -11.10 21.45 -7.15
N LYS A 122 -11.88 20.37 -7.11
CA LYS A 122 -13.29 20.49 -7.43
C LYS A 122 -14.16 20.63 -6.18
N TYR A 123 -13.73 20.07 -5.06
CA TYR A 123 -14.59 20.05 -3.86
C TYR A 123 -14.00 20.60 -2.56
N GLY A 124 -12.70 20.89 -2.55
CA GLY A 124 -12.01 21.35 -1.35
C GLY A 124 -11.82 20.24 -0.32
N ARG A 125 -11.78 18.99 -0.79
CA ARG A 125 -11.72 17.84 0.12
C ARG A 125 -10.44 17.02 -0.01
N ALA A 126 -10.22 16.17 1.00
CA ALA A 126 -9.00 15.37 1.12
C ALA A 126 -9.25 14.00 1.73
N ILE A 127 -8.37 13.05 1.38
CA ILE A 127 -8.33 11.74 2.04
C ILE A 127 -6.88 11.42 2.43
N SER A 128 -6.74 10.68 3.53
CA SER A 128 -5.45 10.21 4.01
C SER A 128 -5.06 8.93 3.28
N HIS A 129 -4.13 9.05 2.33
CA HIS A 129 -3.67 7.90 1.55
C HIS A 129 -2.16 7.97 1.34
N GLY A 130 -1.64 7.13 0.45
CA GLY A 130 -0.22 7.05 0.16
C GLY A 130 0.35 8.22 -0.62
N THR A 131 1.68 8.21 -0.76
CA THR A 131 2.42 9.32 -1.33
C THR A 131 2.56 9.22 -2.85
N CYS A 132 2.65 8.00 -3.38
CA CYS A 132 2.97 7.84 -4.81
C CYS A 132 1.74 8.13 -5.68
N PRO A 133 1.87 9.08 -6.63
CA PRO A 133 0.72 9.54 -7.43
C PRO A 133 0.14 8.53 -8.44
N GLY A 134 0.92 7.53 -8.83
CA GLY A 134 0.49 6.51 -9.80
C GLY A 134 -0.23 5.31 -9.20
N VAL A 135 -0.20 5.18 -7.88
CA VAL A 135 -0.84 4.04 -7.22
C VAL A 135 -2.36 3.99 -7.44
N GLY A 136 -2.91 2.79 -7.69
CA GLY A 136 -4.36 2.62 -7.84
C GLY A 136 -5.11 2.75 -6.53
N ILE A 137 -6.30 3.35 -6.59
CA ILE A 137 -7.21 3.43 -5.44
C ILE A 137 -7.56 2.03 -4.88
N SER A 138 -7.72 1.05 -5.77
CA SER A 138 -8.34 -0.23 -5.41
C SER A 138 -7.40 -1.15 -4.62
N GLY A 139 -6.20 -1.38 -5.15
CA GLY A 139 -5.20 -2.19 -4.46
C GLY A 139 -4.79 -1.56 -3.16
N HIS A 140 -4.65 -0.23 -3.20
CA HIS A 140 -4.23 0.56 -2.06
C HIS A 140 -5.25 0.56 -0.91
N PHE A 141 -6.46 1.06 -1.18
CA PHE A 141 -7.52 1.11 -0.13
C PHE A 141 -7.95 -0.25 0.38
N ALA A 142 -7.96 -1.26 -0.49
CA ALA A 142 -8.40 -2.62 -0.14
C ALA A 142 -7.55 -3.32 0.90
N HIS A 143 -6.30 -2.87 1.09
CA HIS A 143 -5.36 -3.59 1.94
C HIS A 143 -4.75 -2.69 3.02
N GLY A 144 -5.20 -1.43 3.09
CA GLY A 144 -4.79 -0.48 4.11
C GLY A 144 -4.58 0.93 3.57
N GLY A 145 -3.32 1.26 3.28
CA GLY A 145 -2.97 2.55 2.68
C GLY A 145 -2.43 3.48 3.74
N PHE A 146 -1.12 3.66 3.74
CA PHE A 146 -0.44 4.45 4.78
C PHE A 146 0.35 5.59 4.17
N GLY A 147 0.24 6.78 4.76
CA GLY A 147 1.01 7.91 4.31
C GLY A 147 1.30 8.97 5.36
N PHE A 148 1.59 10.17 4.87
CA PHE A 148 1.99 11.27 5.75
C PHE A 148 0.81 11.98 6.44
N SER A 149 -0.38 11.37 6.36
CA SER A 149 -1.51 11.85 7.14
C SER A 149 -2.10 10.75 8.06
N SER A 150 -1.51 9.57 8.06
CA SER A 150 -2.15 8.45 8.73
C SER A 150 -2.15 8.59 10.25
N HIS A 151 -1.07 9.17 10.79
CA HIS A 151 -1.03 9.46 12.22
C HIS A 151 -2.18 10.42 12.62
N MET A 152 -2.39 11.45 11.81
CA MET A 152 -3.46 12.41 12.01
C MET A 152 -4.86 11.87 11.69
N HIS A 153 -5.00 11.14 10.59
CA HIS A 153 -6.32 10.86 10.00
C HIS A 153 -6.56 9.39 9.65
N GLY A 154 -5.62 8.52 9.95
CA GLY A 154 -5.82 7.09 9.71
C GLY A 154 -5.44 6.60 8.33
N LEU A 155 -5.72 5.32 8.09
CA LEU A 155 -5.39 4.68 6.80
C LEU A 155 -6.40 5.05 5.73
N ALA A 156 -5.96 4.98 4.47
CA ALA A 156 -6.85 5.12 3.32
C ALA A 156 -8.12 4.27 3.52
N VAL A 157 -7.93 3.02 3.97
CA VAL A 157 -9.03 2.08 4.22
C VAL A 157 -10.05 2.64 5.23
N ASP A 158 -9.55 3.45 6.17
CA ASP A 158 -10.40 4.01 7.22
C ASP A 158 -11.34 5.09 6.67
N SER A 159 -11.23 5.46 5.40
CA SER A 159 -12.16 6.41 4.79
C SER A 159 -13.37 5.69 4.16
N VAL A 160 -13.23 4.38 3.97
CA VAL A 160 -14.23 3.57 3.31
C VAL A 160 -15.50 3.40 4.19
N VAL A 161 -16.60 3.94 3.67
CA VAL A 161 -17.93 3.82 4.30
C VAL A 161 -18.88 2.93 3.49
N GLY A 162 -18.50 2.60 2.26
CA GLY A 162 -19.31 1.73 1.40
C GLY A 162 -18.60 1.24 0.14
N VAL A 163 -19.02 0.09 -0.38
CA VAL A 163 -18.51 -0.42 -1.65
C VAL A 163 -19.64 -1.05 -2.48
N THR A 164 -19.56 -0.89 -3.80
CA THR A 164 -20.33 -1.68 -4.74
C THR A 164 -19.37 -2.75 -5.24
N VAL A 165 -19.76 -4.02 -5.12
CA VAL A 165 -18.85 -5.14 -5.42
C VAL A 165 -19.41 -6.11 -6.45
N VAL A 166 -18.56 -6.57 -7.37
CA VAL A 166 -18.90 -7.66 -8.28
C VAL A 166 -18.36 -8.97 -7.68
N LEU A 167 -19.24 -9.93 -7.41
CA LEU A 167 -18.82 -11.19 -6.76
C LEU A 167 -18.39 -12.26 -7.78
N ALA A 168 -17.70 -13.30 -7.30
CA ALA A 168 -17.24 -14.42 -8.14
C ALA A 168 -18.30 -15.01 -9.07
N ASP A 169 -19.58 -14.85 -8.70
CA ASP A 169 -20.68 -15.35 -9.51
C ASP A 169 -21.25 -14.28 -10.43
N GLY A 170 -20.71 -13.06 -10.33
CA GLY A 170 -21.09 -11.99 -11.25
C GLY A 170 -22.25 -11.12 -10.78
N ARG A 171 -22.75 -11.40 -9.58
CA ARG A 171 -23.75 -10.55 -8.95
C ARG A 171 -23.11 -9.27 -8.45
N ILE A 172 -23.86 -8.19 -8.54
CA ILE A 172 -23.45 -6.90 -8.01
C ILE A 172 -24.18 -6.67 -6.69
N VAL A 173 -23.40 -6.38 -5.64
CA VAL A 173 -23.95 -6.15 -4.29
C VAL A 173 -23.32 -4.92 -3.64
N GLU A 174 -24.08 -4.30 -2.74
CA GLU A 174 -23.60 -3.24 -1.88
C GLU A 174 -23.09 -3.80 -0.54
N ALA A 175 -22.00 -3.21 -0.04
CA ALA A 175 -21.49 -3.54 1.29
C ALA A 175 -21.14 -2.26 2.07
N SER A 176 -21.49 -2.28 3.36
CA SER A 176 -21.27 -1.20 4.29
C SER A 176 -21.45 -1.78 5.70
N ALA A 177 -21.47 -0.91 6.71
CA ALA A 177 -21.70 -1.33 8.09
C ALA A 177 -23.10 -1.94 8.31
N THR A 178 -24.08 -1.50 7.52
CA THR A 178 -25.49 -1.89 7.68
C THR A 178 -26.01 -2.77 6.53
N GLU A 179 -25.11 -3.25 5.67
CA GLU A 179 -25.49 -4.11 4.56
C GLU A 179 -24.28 -4.95 4.13
N ASN A 180 -24.44 -6.27 4.18
CA ASN A 180 -23.33 -7.21 3.96
C ASN A 180 -22.08 -6.87 4.78
N ALA A 181 -22.28 -6.53 6.05
CA ALA A 181 -21.20 -6.13 6.96
C ALA A 181 -20.02 -7.12 7.05
N ASP A 182 -20.28 -8.42 6.89
CA ASP A 182 -19.20 -9.42 6.86
C ASP A 182 -18.27 -9.20 5.65
N LEU A 183 -18.85 -8.96 4.47
CA LEU A 183 -18.10 -8.72 3.24
C LEU A 183 -17.34 -7.38 3.35
N PHE A 184 -18.04 -6.36 3.84
CA PHE A 184 -17.45 -5.06 4.12
C PHE A 184 -16.19 -5.16 5.01
N TRP A 185 -16.25 -6.01 6.03
CA TRP A 185 -15.14 -6.22 6.96
C TRP A 185 -13.92 -6.78 6.23
N GLY A 186 -14.16 -7.74 5.35
CA GLY A 186 -13.12 -8.35 4.53
C GLY A 186 -12.52 -7.43 3.47
N ILE A 187 -13.36 -6.60 2.85
CA ILE A 187 -12.90 -5.67 1.82
C ILE A 187 -11.98 -4.60 2.43
N LYS A 188 -12.25 -4.24 3.68
CA LYS A 188 -11.49 -3.22 4.36
C LYS A 188 -10.21 -3.80 4.98
N GLY A 189 -9.30 -4.27 4.12
CA GLY A 189 -8.03 -4.84 4.56
C GLY A 189 -7.52 -6.06 3.80
N ALA A 190 -8.44 -6.86 3.26
CA ALA A 190 -8.07 -8.03 2.46
C ALA A 190 -8.87 -8.11 1.14
N GLY A 191 -9.26 -6.95 0.62
CA GLY A 191 -10.27 -6.84 -0.44
C GLY A 191 -10.03 -7.51 -1.79
N SER A 192 -8.78 -7.81 -2.08
CA SER A 192 -8.43 -8.55 -3.27
C SER A 192 -9.04 -9.96 -3.23
N ASN A 193 -9.47 -10.38 -2.05
CA ASN A 193 -9.95 -11.74 -1.85
C ASN A 193 -11.41 -12.03 -2.20
N PHE A 194 -12.26 -10.99 -2.23
CA PHE A 194 -13.71 -11.24 -2.18
C PHE A 194 -14.54 -10.70 -3.33
N GLY A 195 -13.90 -10.15 -4.35
CA GLY A 195 -14.65 -9.62 -5.47
C GLY A 195 -13.91 -8.50 -6.09
N ILE A 196 -14.50 -7.89 -7.12
CA ILE A 196 -13.90 -6.72 -7.72
C ILE A 196 -14.76 -5.53 -7.30
N VAL A 197 -14.14 -4.60 -6.58
CA VAL A 197 -14.82 -3.39 -6.17
C VAL A 197 -15.01 -2.55 -7.41
N ALA A 198 -16.26 -2.14 -7.65
CA ALA A 198 -16.65 -1.31 -8.79
C ALA A 198 -16.85 0.17 -8.44
N VAL A 199 -17.18 0.45 -7.18
CA VAL A 199 -17.31 1.83 -6.70
C VAL A 199 -16.80 1.90 -5.26
N TRP A 200 -15.89 2.82 -4.98
CA TRP A 200 -15.51 3.09 -3.60
C TRP A 200 -16.35 4.26 -3.08
N LYS A 201 -16.83 4.15 -1.85
CA LYS A 201 -17.61 5.21 -1.22
C LYS A 201 -16.83 5.70 -0.02
N LEU A 202 -16.38 6.95 -0.09
CA LEU A 202 -15.33 7.45 0.78
C LEU A 202 -15.71 8.72 1.52
N ALA A 203 -15.46 8.70 2.83
CA ALA A 203 -15.58 9.89 3.65
C ALA A 203 -14.35 10.76 3.46
N THR A 204 -14.56 12.07 3.32
CA THR A 204 -13.45 13.00 3.15
C THR A 204 -13.38 13.94 4.36
N PHE A 205 -12.29 14.67 4.50
CA PHE A 205 -12.25 15.81 5.44
C PHE A 205 -11.91 17.08 4.66
N PRO A 206 -12.23 18.26 5.22
CA PRO A 206 -11.82 19.49 4.50
C PRO A 206 -10.32 19.48 4.22
N ALA A 207 -9.91 19.89 3.02
CA ALA A 207 -8.50 19.96 2.66
C ALA A 207 -7.77 20.92 3.60
N PRO A 208 -6.73 20.42 4.30
CA PRO A 208 -6.00 21.21 5.28
C PRO A 208 -5.37 22.46 4.68
N LYS A 209 -5.36 23.55 5.44
CA LYS A 209 -4.85 24.82 4.93
C LYS A 209 -3.45 25.09 5.46
N VAL A 210 -3.14 24.52 6.63
CA VAL A 210 -1.89 24.80 7.33
C VAL A 210 -1.13 23.50 7.62
N LEU A 211 -0.08 23.28 6.83
CA LEU A 211 0.76 22.10 6.96
C LEU A 211 2.21 22.51 6.86
N THR A 212 3.04 21.80 7.62
CA THR A 212 4.46 22.05 7.62
C THR A 212 5.19 20.74 7.36
N ARG A 213 5.97 20.72 6.28
CA ARG A 213 6.89 19.61 6.05
C ARG A 213 8.14 19.89 6.86
N PHE A 214 8.66 18.87 7.51
CA PHE A 214 9.87 18.99 8.29
C PHE A 214 10.80 17.83 7.98
N GLY A 215 12.09 18.05 8.22
CA GLY A 215 13.11 17.00 8.12
C GLY A 215 14.31 17.24 9.01
N VAL A 216 14.91 16.16 9.49
CA VAL A 216 16.12 16.20 10.30
C VAL A 216 17.13 15.21 9.73
N THR A 217 18.31 15.70 9.37
CA THR A 217 19.42 14.85 8.98
C THR A 217 20.05 14.30 10.25
N LEU A 218 19.99 12.99 10.41
CA LEU A 218 20.27 12.35 11.69
C LEU A 218 21.77 12.26 12.00
N ASN A 219 22.57 12.01 10.96
CA ASN A 219 24.03 11.93 11.06
C ASN A 219 24.54 10.84 12.00
N TRP A 220 23.81 9.72 12.06
CA TRP A 220 24.26 8.53 12.79
C TRP A 220 25.39 7.88 11.98
N LYS A 221 26.63 8.06 12.45
CA LYS A 221 27.76 7.56 11.68
CA LYS A 221 27.85 7.61 11.76
C LYS A 221 28.26 6.19 12.18
N ASN A 222 27.64 5.67 13.22
CA ASN A 222 28.04 4.37 13.78
C ASN A 222 26.89 3.63 14.46
N LYS A 223 27.15 2.38 14.85
CA LYS A 223 26.13 1.50 15.45
C LYS A 223 25.52 2.08 16.72
N THR A 224 26.38 2.65 17.58
CA THR A 224 25.94 3.27 18.83
C THR A 224 24.91 4.37 18.60
N SER A 225 25.24 5.32 17.72
CA SER A 225 24.33 6.40 17.36
C SER A 225 22.97 5.88 16.88
N ALA A 226 22.99 4.94 15.94
CA ALA A 226 21.75 4.38 15.38
C ALA A 226 20.91 3.61 16.42
N LEU A 227 21.57 2.85 17.29
CA LEU A 227 20.88 2.16 18.39
C LEU A 227 20.17 3.14 19.31
N LYS A 228 20.92 4.16 19.75
CA LYS A 228 20.40 5.18 20.65
C LYS A 228 19.29 5.98 20.00
N GLY A 229 19.45 6.25 18.71
CA GLY A 229 18.51 7.07 17.94
C GLY A 229 17.17 6.41 17.63
N ILE A 230 17.22 5.15 17.21
CA ILE A 230 16.00 4.42 16.91
C ILE A 230 15.20 4.22 18.20
N GLU A 231 15.91 3.97 19.31
CA GLU A 231 15.33 3.91 20.66
C GLU A 231 14.57 5.21 21.02
N ALA A 232 15.25 6.34 20.85
CA ALA A 232 14.68 7.66 21.15
C ALA A 232 13.42 7.93 20.34
N VAL A 233 13.42 7.50 19.07
CA VAL A 233 12.28 7.73 18.19
C VAL A 233 11.10 6.82 18.54
N GLU A 234 11.38 5.57 18.93
CA GLU A 234 10.32 4.69 19.40
C GLU A 234 9.60 5.22 20.66
N ASP A 235 10.39 5.64 21.65
CA ASP A 235 9.86 6.17 22.91
C ASP A 235 8.92 7.33 22.61
N TYR A 236 9.40 8.24 21.78
CA TYR A 236 8.62 9.41 21.41
C TYR A 236 7.33 8.96 20.69
N ALA A 237 7.48 8.06 19.72
CA ALA A 237 6.35 7.51 18.97
C ALA A 237 5.34 6.81 19.89
N ARG A 238 5.85 6.03 20.83
CA ARG A 238 4.97 5.23 21.70
C ARG A 238 4.16 6.07 22.65
N TRP A 239 4.81 7.10 23.20
CA TRP A 239 4.25 7.76 24.38
C TRP A 239 3.94 9.25 24.27
N VAL A 240 4.61 9.95 23.36
CA VAL A 240 4.59 11.41 23.35
C VAL A 240 3.97 11.96 22.07
N ALA A 241 4.47 11.50 20.93
CA ALA A 241 4.09 12.03 19.60
C ALA A 241 2.62 12.44 19.54
N PRO A 242 2.32 13.75 19.39
CA PRO A 242 0.93 14.19 19.29
C PRO A 242 0.29 13.69 18.00
N ARG A 243 -1.04 13.66 17.98
CA ARG A 243 -1.84 13.31 16.81
C ARG A 243 -1.36 14.00 15.51
N GLU A 244 -1.06 15.29 15.62
CA GLU A 244 -0.74 16.15 14.46
C GLU A 244 0.58 15.82 13.73
N VAL A 245 1.44 14.99 14.32
CA VAL A 245 2.73 14.71 13.68
C VAL A 245 2.73 13.35 12.97
N ASN A 246 3.13 13.36 11.70
CA ASN A 246 3.28 12.13 10.93
C ASN A 246 4.70 12.06 10.40
N PHE A 247 5.41 10.97 10.69
CA PHE A 247 6.80 10.91 10.26
C PHE A 247 7.39 9.51 10.17
N ARG A 248 8.57 9.46 9.55
CA ARG A 248 9.36 8.26 9.45
C ARG A 248 10.87 8.56 9.49
N ILE A 249 11.64 7.51 9.76
CA ILE A 249 13.08 7.48 9.55
C ILE A 249 13.25 6.78 8.21
N GLY A 250 14.09 7.33 7.36
CA GLY A 250 14.37 6.71 6.07
C GLY A 250 15.82 6.93 5.71
N ASP A 251 16.37 6.00 4.94
CA ASP A 251 17.74 6.11 4.48
C ASP A 251 17.78 5.73 3.01
N TYR A 252 18.07 6.70 2.17
CA TYR A 252 18.14 6.54 0.72
C TYR A 252 19.56 6.71 0.23
N GLY A 253 20.52 6.79 1.16
CA GLY A 253 21.91 7.02 0.83
C GLY A 253 22.92 6.07 1.45
N ALA A 254 22.52 4.83 1.71
CA ALA A 254 23.43 3.85 2.32
C ALA A 254 24.27 4.48 3.46
N GLY A 255 23.60 4.92 4.52
CA GLY A 255 24.27 5.56 5.66
C GLY A 255 24.04 7.05 5.86
N ASN A 256 23.02 7.62 5.21
CA ASN A 256 22.61 9.00 5.47
C ASN A 256 21.13 9.05 5.95
N PRO A 257 20.82 8.43 7.11
CA PRO A 257 19.42 8.41 7.55
C PRO A 257 18.86 9.77 7.95
N GLY A 258 17.58 9.97 7.67
CA GLY A 258 16.90 11.18 8.08
C GLY A 258 15.51 10.90 8.60
N ILE A 259 14.96 11.85 9.33
CA ILE A 259 13.55 11.85 9.62
C ILE A 259 12.89 12.76 8.58
N GLU A 260 11.80 12.28 7.98
CA GLU A 260 10.97 13.16 7.16
C GLU A 260 9.52 13.09 7.65
N GLY A 261 8.81 14.20 7.54
CA GLY A 261 7.49 14.26 8.14
C GLY A 261 6.59 15.36 7.67
N LEU A 262 5.35 15.26 8.10
CA LEU A 262 4.31 16.23 7.82
C LEU A 262 3.61 16.51 9.15
N TYR A 263 3.54 17.80 9.48
CA TYR A 263 2.88 18.25 10.70
C TYR A 263 1.61 19.03 10.39
N TYR A 264 0.54 18.71 11.11
CA TYR A 264 -0.71 19.45 11.01
C TYR A 264 -0.66 20.67 11.90
N GLY A 265 -0.09 21.74 11.37
CA GLY A 265 0.04 23.01 12.08
C GLY A 265 1.19 23.85 11.53
N THR A 266 1.56 24.88 12.29
CA THR A 266 2.62 25.80 11.89
C THR A 266 4.03 25.23 12.14
N PRO A 267 5.07 25.86 11.51
CA PRO A 267 6.45 25.47 11.79
C PRO A 267 6.84 25.58 13.30
N GLU A 268 6.32 26.59 13.97
CA GLU A 268 6.58 26.82 15.40
C GLU A 268 5.86 25.77 16.25
N GLN A 269 4.65 25.41 15.84
CA GLN A 269 3.90 24.35 16.52
C GLN A 269 4.57 22.98 16.37
N TRP A 270 5.11 22.70 15.18
CA TRP A 270 5.88 21.48 14.95
C TRP A 270 7.10 21.44 15.87
N ARG A 271 7.86 22.53 15.88
CA ARG A 271 9.13 22.59 16.63
C ARG A 271 8.92 22.27 18.11
N ALA A 272 7.86 22.85 18.69
CA ALA A 272 7.47 22.57 20.07
C ALA A 272 7.02 21.11 20.24
N ALA A 273 6.20 20.61 19.32
CA ALA A 273 5.72 19.23 19.43
C ALA A 273 6.84 18.16 19.31
N PHE A 274 7.86 18.45 18.52
CA PHE A 274 8.93 17.49 18.21
C PHE A 274 10.10 17.64 19.17
N GLN A 275 10.20 18.79 19.84
CA GLN A 275 11.34 19.12 20.71
C GLN A 275 11.70 18.02 21.70
N PRO A 276 10.68 17.34 22.31
CA PRO A 276 11.09 16.24 23.21
C PRO A 276 11.92 15.15 22.54
N LEU A 277 11.64 14.83 21.27
CA LEU A 277 12.46 13.86 20.55
C LEU A 277 13.82 14.45 20.18
N LEU A 278 13.81 15.67 19.65
CA LEU A 278 15.07 16.40 19.38
C LEU A 278 16.04 16.41 20.58
N ASP A 279 15.51 16.60 21.80
CA ASP A 279 16.33 16.50 23.02
C ASP A 279 16.86 15.09 23.32
N THR A 280 16.25 14.05 22.78
CA THR A 280 16.74 12.69 23.04
C THR A 280 17.58 12.09 21.91
N LEU A 281 17.56 12.71 20.74
CA LEU A 281 18.32 12.19 19.61
C LEU A 281 19.82 12.27 19.89
N PRO A 282 20.61 11.33 19.33
CA PRO A 282 22.05 11.47 19.48
C PRO A 282 22.51 12.84 18.94
N ALA A 283 23.51 13.42 19.59
CA ALA A 283 24.05 14.73 19.22
C ALA A 283 24.59 14.71 17.79
N GLY A 284 24.45 15.83 17.09
CA GLY A 284 24.97 15.94 15.74
C GLY A 284 23.94 15.93 14.62
N TYR A 285 22.67 15.84 14.97
CA TYR A 285 21.59 15.95 14.00
C TYR A 285 21.48 17.39 13.55
N VAL A 286 20.94 17.60 12.35
CA VAL A 286 20.69 18.94 11.83
C VAL A 286 19.22 19.02 11.43
N VAL A 287 18.48 19.91 12.10
CA VAL A 287 17.13 20.25 11.67
C VAL A 287 17.20 21.02 10.33
N ASN A 288 16.68 20.40 9.26
CA ASN A 288 16.61 21.06 7.96
C ASN A 288 15.52 22.15 7.95
N PRO A 289 15.55 23.09 6.98
CA PRO A 289 14.52 24.14 6.99
C PRO A 289 13.13 23.55 6.74
N THR A 290 12.10 24.13 7.36
CA THR A 290 10.74 23.66 7.14
C THR A 290 10.15 24.23 5.85
N THR A 291 9.04 23.64 5.42
CA THR A 291 8.32 24.12 4.25
C THR A 291 6.85 24.23 4.63
N SER A 292 6.28 25.42 4.50
CA SER A 292 4.85 25.64 4.74
C SER A 292 4.06 25.26 3.49
N LEU A 293 3.03 24.43 3.67
CA LEU A 293 2.29 23.87 2.53
C LEU A 293 0.79 23.92 2.79
N ASN A 294 -0.01 23.98 1.72
CA ASN A 294 -1.43 23.65 1.83
C ASN A 294 -1.61 22.20 1.39
N TRP A 295 -2.84 21.69 1.42
CA TRP A 295 -3.10 20.28 1.17
C TRP A 295 -2.49 19.74 -0.14
N ILE A 296 -2.81 20.40 -1.25
CA ILE A 296 -2.39 19.94 -2.59
C ILE A 296 -0.89 20.12 -2.87
N GLU A 297 -0.30 21.12 -2.23
CA GLU A 297 1.14 21.33 -2.28
C GLU A 297 1.89 20.18 -1.57
N SER A 298 1.34 19.71 -0.45
CA SER A 298 1.93 18.58 0.28
C SER A 298 1.91 17.29 -0.56
N VAL A 299 0.78 17.01 -1.23
CA VAL A 299 0.68 15.86 -2.15
C VAL A 299 1.79 15.92 -3.21
N LEU A 300 1.99 17.10 -3.79
CA LEU A 300 3.06 17.34 -4.74
C LEU A 300 4.43 17.19 -4.07
N SER A 301 4.61 17.84 -2.92
CA SER A 301 5.89 17.81 -2.21
C SER A 301 6.45 16.40 -1.95
N TYR A 302 5.61 15.43 -1.57
CA TYR A 302 6.13 14.08 -1.27
CA TYR A 302 6.05 14.06 -1.25
C TYR A 302 5.98 13.11 -2.45
N SER A 303 5.73 13.71 -3.61
CA SER A 303 5.47 13.04 -4.86
C SER A 303 6.64 12.26 -5.50
N ASN A 304 7.83 12.89 -5.53
CA ASN A 304 8.94 12.48 -6.40
C ASN A 304 8.69 12.69 -7.88
N PHE A 305 7.77 13.59 -8.21
CA PHE A 305 7.47 13.98 -9.58
C PHE A 305 7.12 15.45 -9.63
N ASP A 306 7.10 16.03 -10.83
CA ASP A 306 6.77 17.45 -11.00
C ASP A 306 5.26 17.74 -11.15
N HIS A 307 4.44 16.69 -11.21
CA HIS A 307 2.96 16.84 -11.12
C HIS A 307 2.36 15.62 -10.38
N VAL A 308 1.07 15.67 -10.04
CA VAL A 308 0.44 14.53 -9.36
C VAL A 308 -0.80 13.96 -10.04
N ASP A 309 -1.44 14.74 -10.89
CA ASP A 309 -2.63 14.25 -11.56
C ASP A 309 -2.30 13.19 -12.62
N PHE A 310 -2.17 11.94 -12.18
CA PHE A 310 -1.74 10.82 -13.02
C PHE A 310 -2.94 10.04 -13.52
N ILE A 311 -3.10 9.98 -14.83
CA ILE A 311 -4.13 9.10 -15.41
C ILE A 311 -3.52 8.00 -16.30
N THR A 312 -2.19 7.89 -16.25
CA THR A 312 -1.44 6.86 -16.96
C THR A 312 -0.42 6.27 -15.98
N PRO A 313 0.21 5.13 -16.30
CA PRO A 313 1.17 4.59 -15.33
C PRO A 313 2.40 5.48 -15.11
N GLN A 314 3.02 5.39 -13.94
CA GLN A 314 4.32 6.03 -13.75
C GLN A 314 5.45 5.12 -14.25
N PRO A 315 6.68 5.67 -14.39
CA PRO A 315 7.78 4.86 -14.92
C PRO A 315 7.98 3.53 -14.18
N VAL A 316 8.15 2.44 -14.90
CA VAL A 316 8.30 1.13 -14.28
C VAL A 316 9.65 1.02 -13.58
N GLU A 317 9.77 0.01 -12.72
CA GLU A 317 10.99 -0.24 -11.97
C GLU A 317 11.30 -1.74 -11.96
N ASN A 318 12.46 -2.09 -11.42
CA ASN A 318 12.97 -3.46 -11.46
C ASN A 318 13.60 -3.79 -10.10
N PHE A 319 12.82 -4.47 -9.25
CA PHE A 319 13.16 -4.49 -7.83
C PHE A 319 12.60 -5.68 -7.10
N TYR A 320 13.11 -5.87 -5.89
CA TYR A 320 12.53 -6.75 -4.88
C TYR A 320 12.23 -5.88 -3.64
N ALA A 321 11.22 -6.27 -2.86
CA ALA A 321 10.88 -5.55 -1.64
C ALA A 321 10.37 -6.50 -0.55
N LYS A 322 10.56 -6.08 0.70
CA LYS A 322 10.04 -6.80 1.86
C LYS A 322 9.48 -5.83 2.87
N SER A 323 8.77 -6.36 3.84
CA SER A 323 8.19 -5.50 4.86
C SER A 323 8.12 -6.20 6.21
N LEU A 324 7.90 -5.39 7.23
CA LEU A 324 7.69 -5.88 8.59
C LEU A 324 6.75 -4.91 9.29
N THR A 325 5.84 -5.47 10.08
CA THR A 325 5.06 -4.71 11.06
C THR A 325 5.40 -5.25 12.46
N LEU A 326 5.87 -4.37 13.35
CA LEU A 326 6.36 -4.75 14.67
C LEU A 326 5.63 -4.05 15.81
N LYS A 327 5.37 -4.79 16.89
CA LYS A 327 4.94 -4.19 18.16
C LYS A 327 6.00 -3.24 18.70
N SER A 328 7.25 -3.70 18.70
CA SER A 328 8.42 -2.93 19.13
C SER A 328 9.65 -3.44 18.42
N ILE A 329 10.64 -2.58 18.27
CA ILE A 329 11.94 -3.01 17.74
C ILE A 329 13.01 -3.07 18.88
N LYS A 330 12.57 -2.97 20.13
CA LYS A 330 13.50 -2.89 21.27
C LYS A 330 14.23 -4.21 21.55
N GLY A 331 15.39 -4.12 22.19
CA GLY A 331 16.17 -5.32 22.51
C GLY A 331 17.03 -5.85 21.38
N ASP A 332 17.04 -7.17 21.21
CA ASP A 332 17.91 -7.81 20.23
C ASP A 332 17.54 -7.48 18.79
N ALA A 333 16.25 -7.25 18.56
CA ALA A 333 15.74 -6.86 17.25
C ALA A 333 16.48 -5.65 16.64
N VAL A 334 16.57 -4.54 17.39
CA VAL A 334 17.25 -3.33 16.89
C VAL A 334 18.76 -3.52 16.89
N LYS A 335 19.29 -4.28 17.85
CA LYS A 335 20.69 -4.60 17.87
C LYS A 335 21.08 -5.32 16.56
N ASN A 336 20.41 -6.43 16.25
CA ASN A 336 20.61 -7.16 14.98
C ASN A 336 20.37 -6.30 13.74
N PHE A 337 19.34 -5.47 13.79
CA PHE A 337 19.04 -4.56 12.69
C PHE A 337 20.21 -3.60 12.40
N VAL A 338 20.75 -3.00 13.46
CA VAL A 338 21.84 -2.04 13.34
C VAL A 338 23.16 -2.69 12.89
N ASP A 339 23.43 -3.91 13.37
CA ASP A 339 24.64 -4.66 12.98
C ASP A 339 24.65 -4.87 11.48
N TYR A 340 23.59 -5.51 11.01
CA TYR A 340 23.32 -5.74 9.60
C TYR A 340 23.38 -4.44 8.78
N TYR A 341 22.69 -3.41 9.25
CA TYR A 341 22.78 -2.02 8.68
C TYR A 341 24.22 -1.64 8.34
N PHE A 342 25.13 -1.77 9.31
CA PHE A 342 26.50 -1.27 9.13
C PHE A 342 27.48 -2.30 8.55
N ASP A 343 27.32 -3.58 8.93
CA ASP A 343 28.22 -4.64 8.49
C ASP A 343 27.94 -5.09 7.05
N VAL A 344 26.66 -5.05 6.66
CA VAL A 344 26.21 -5.60 5.37
C VAL A 344 25.65 -4.51 4.46
N SER A 345 24.45 -4.02 4.79
CA SER A 345 23.71 -3.04 3.99
C SER A 345 24.54 -1.87 3.45
N ASN A 346 25.35 -1.25 4.31
CA ASN A 346 26.09 -0.05 3.90
C ASN A 346 27.26 -0.34 2.95
N LYS A 347 27.59 -1.61 2.79
CA LYS A 347 28.59 -2.03 1.81
C LYS A 347 27.94 -2.53 0.51
N VAL A 348 26.60 -2.52 0.45
CA VAL A 348 25.89 -2.87 -0.79
C VAL A 348 25.78 -1.61 -1.67
N LYS A 349 26.59 -1.59 -2.72
CA LYS A 349 26.90 -0.37 -3.44
C LYS A 349 26.50 -0.43 -4.93
N ASP A 350 26.13 -1.62 -5.40
CA ASP A 350 25.92 -1.87 -6.81
C ASP A 350 24.50 -1.58 -7.34
N ARG A 351 23.57 -1.28 -6.42
CA ARG A 351 22.21 -0.90 -6.79
C ARG A 351 21.59 -0.02 -5.71
N PHE A 352 20.51 0.67 -6.04
CA PHE A 352 19.80 1.52 -5.09
C PHE A 352 18.93 0.70 -4.12
N TRP A 353 19.04 1.00 -2.83
CA TRP A 353 18.19 0.37 -1.83
C TRP A 353 17.74 1.37 -0.78
N PHE A 354 16.66 1.06 -0.05
CA PHE A 354 16.24 1.87 1.09
C PHE A 354 15.50 1.06 2.15
N TYR A 355 15.43 1.62 3.34
CA TYR A 355 14.47 1.18 4.35
C TYR A 355 13.69 2.41 4.77
N GLN A 356 12.47 2.16 5.26
CA GLN A 356 11.67 3.20 5.89
C GLN A 356 11.09 2.60 7.13
N LEU A 357 11.32 3.26 8.26
CA LEU A 357 10.67 2.90 9.52
C LEU A 357 9.52 3.90 9.76
N ASP A 358 8.31 3.50 9.39
CA ASP A 358 7.13 4.35 9.55
C ASP A 358 6.57 4.31 10.98
N VAL A 359 6.28 5.49 11.51
CA VAL A 359 5.56 5.63 12.78
C VAL A 359 4.06 5.39 12.51
N HIS A 360 3.69 4.13 12.61
CA HIS A 360 2.38 3.62 12.18
C HIS A 360 1.41 3.53 13.36
N GLY A 361 1.91 3.07 14.51
CA GLY A 361 1.11 2.98 15.71
C GLY A 361 1.53 3.98 16.77
N GLY A 362 1.30 3.64 18.04
CA GLY A 362 1.62 4.56 19.12
C GLY A 362 0.37 5.23 19.66
N LYS A 363 0.51 5.83 20.84
CA LYS A 363 -0.63 6.30 21.62
C LYS A 363 -1.58 7.24 20.87
N ASN A 364 -1.02 8.22 20.15
CA ASN A 364 -1.86 9.24 19.51
C ASN A 364 -2.06 9.05 18.00
N SER A 365 -1.73 7.86 17.52
CA SER A 365 -1.91 7.53 16.11
C SER A 365 -3.39 7.23 15.83
N GLN A 366 -3.95 7.90 14.81
CA GLN A 366 -5.32 7.61 14.42
C GLN A 366 -5.50 6.20 13.89
N VAL A 367 -4.42 5.64 13.34
CA VAL A 367 -4.43 4.28 12.82
C VAL A 367 -4.85 3.32 13.92
N THR A 368 -4.43 3.63 15.15
CA THR A 368 -4.56 2.73 16.29
C THR A 368 -5.88 2.88 17.06
N LYS A 369 -6.72 3.82 16.63
CA LYS A 369 -8.05 4.04 17.24
C LYS A 369 -9.11 3.05 16.75
N VAL A 370 -8.72 2.23 15.76
CA VAL A 370 -9.55 1.14 15.26
C VAL A 370 -8.86 -0.13 15.74
N THR A 371 -9.63 -1.11 16.21
CA THR A 371 -9.02 -2.39 16.66
C THR A 371 -8.82 -3.37 15.50
N ASN A 372 -8.05 -4.43 15.75
CA ASN A 372 -7.86 -5.51 14.78
C ASN A 372 -9.18 -6.24 14.48
N ALA A 373 -10.10 -6.17 15.44
CA ALA A 373 -11.37 -6.86 15.31
C ALA A 373 -12.34 -6.12 14.40
N GLU A 374 -12.16 -4.80 14.26
CA GLU A 374 -13.14 -3.96 13.54
C GLU A 374 -13.10 -3.97 12.00
N THR A 375 -11.98 -4.37 11.41
CA THR A 375 -11.84 -4.45 9.96
C THR A 375 -10.85 -5.56 9.69
N ALA A 376 -10.69 -5.94 8.42
CA ALA A 376 -9.69 -6.94 8.03
C ALA A 376 -8.23 -6.56 8.41
N TYR A 377 -7.89 -5.27 8.37
CA TYR A 377 -6.53 -4.81 8.66
C TYR A 377 -6.06 -5.34 10.00
N PRO A 378 -4.94 -6.08 10.00
CA PRO A 378 -4.49 -6.79 11.19
C PRO A 378 -3.34 -6.18 11.97
N HIS A 379 -2.96 -4.93 11.69
CA HIS A 379 -1.72 -4.37 12.23
C HIS A 379 -1.98 -3.21 13.17
N ARG A 380 -3.14 -3.20 13.81
CA ARG A 380 -3.53 -2.04 14.63
C ARG A 380 -2.72 -2.01 15.92
N ASP A 381 -2.12 -3.17 16.26
CA ASP A 381 -1.33 -3.31 17.48
C ASP A 381 0.18 -3.20 17.21
N LYS A 382 0.54 -2.63 16.06
CA LYS A 382 1.94 -2.54 15.62
C LYS A 382 2.38 -1.08 15.53
N LEU A 383 3.47 -0.72 16.19
CA LEU A 383 3.99 0.65 16.21
C LEU A 383 4.73 1.00 14.91
N TRP A 384 5.55 0.07 14.43
CA TRP A 384 6.36 0.25 13.25
C TRP A 384 5.79 -0.43 12.00
N LEU A 385 5.76 0.32 10.91
CA LEU A 385 5.64 -0.23 9.55
C LEU A 385 7.00 -0.05 8.89
N ILE A 386 7.57 -1.14 8.43
CA ILE A 386 8.89 -1.13 7.83
C ILE A 386 8.83 -1.58 6.38
N GLN A 387 9.40 -0.77 5.48
CA GLN A 387 9.66 -1.17 4.12
C GLN A 387 11.16 -1.34 3.84
N PHE A 388 11.52 -2.49 3.25
CA PHE A 388 12.85 -2.69 2.63
C PHE A 388 12.69 -2.79 1.11
N TYR A 389 13.58 -2.12 0.37
CA TYR A 389 13.43 -1.98 -1.09
C TYR A 389 14.78 -2.09 -1.81
N ASP A 390 14.83 -2.98 -2.81
CA ASP A 390 16.07 -3.35 -3.50
C ASP A 390 15.94 -3.21 -5.04
N ARG A 391 16.49 -2.13 -5.59
CA ARG A 391 16.22 -1.71 -6.97
C ARG A 391 17.43 -1.61 -7.92
N TYR A 392 17.38 -2.41 -9.00
CA TYR A 392 18.35 -2.39 -10.08
C TYR A 392 17.88 -1.50 -11.24
N ASP A 393 18.76 -1.23 -12.20
CA ASP A 393 18.36 -0.52 -13.41
C ASP A 393 17.40 -1.36 -14.23
N ASN A 394 16.59 -0.70 -15.05
CA ASN A 394 15.63 -1.43 -15.88
C ASN A 394 16.30 -2.32 -16.94
N ASN A 395 17.45 -1.87 -17.45
CA ASN A 395 18.21 -2.71 -18.36
C ASN A 395 19.12 -3.77 -17.70
N GLN A 396 19.01 -3.95 -16.38
CA GLN A 396 19.73 -5.04 -15.68
C GLN A 396 18.79 -6.15 -15.27
N THR A 397 19.34 -7.33 -15.02
CA THR A 397 18.57 -8.46 -14.53
C THR A 397 18.74 -8.54 -13.02
N TYR A 398 17.64 -8.59 -12.27
CA TYR A 398 17.74 -8.80 -10.84
C TYR A 398 18.34 -10.18 -10.64
N PRO A 399 19.55 -10.25 -10.02
CA PRO A 399 20.24 -11.53 -9.88
C PRO A 399 19.65 -12.38 -8.76
N GLU A 400 19.63 -13.71 -8.94
CA GLU A 400 19.07 -14.63 -7.96
CA GLU A 400 19.05 -14.62 -7.95
C GLU A 400 19.73 -14.52 -6.57
N THR A 401 21.02 -14.22 -6.57
CA THR A 401 21.78 -14.12 -5.32
C THR A 401 21.52 -12.83 -4.52
N SER A 402 20.89 -11.84 -5.15
CA SER A 402 20.56 -10.56 -4.51
C SER A 402 19.38 -10.60 -3.54
N PHE A 403 18.54 -11.65 -3.63
CA PHE A 403 17.42 -11.80 -2.70
C PHE A 403 17.86 -11.83 -1.23
N LYS A 404 19.03 -12.42 -0.99
CA LYS A 404 19.47 -12.72 0.36
C LYS A 404 19.80 -11.45 1.15
N PHE A 405 20.04 -10.34 0.43
CA PHE A 405 20.28 -9.03 1.06
C PHE A 405 19.09 -8.59 1.95
N LEU A 406 17.91 -8.40 1.35
CA LEU A 406 16.73 -8.02 2.15
C LEU A 406 16.25 -9.18 3.01
N ASP A 407 16.38 -10.41 2.50
CA ASP A 407 16.06 -11.58 3.31
C ASP A 407 16.85 -11.55 4.64
N GLY A 408 18.16 -11.29 4.55
CA GLY A 408 19.03 -11.21 5.71
C GLY A 408 18.62 -10.17 6.74
N TRP A 409 18.31 -8.97 6.25
CA TRP A 409 17.88 -7.87 7.12
C TRP A 409 16.58 -8.19 7.88
N VAL A 410 15.60 -8.74 7.17
CA VAL A 410 14.34 -9.12 7.77
C VAL A 410 14.56 -10.20 8.83
N ASN A 411 15.35 -11.21 8.48
CA ASN A 411 15.70 -12.31 9.41
CA ASN A 411 15.69 -12.30 9.40
C ASN A 411 16.36 -11.78 10.67
N SER A 412 17.29 -10.83 10.52
CA SER A 412 17.95 -10.23 11.66
C SER A 412 16.95 -9.65 12.69
N VAL A 413 15.81 -9.14 12.23
CA VAL A 413 14.77 -8.68 13.17
C VAL A 413 13.92 -9.87 13.68
N THR A 414 13.38 -10.67 12.77
CA THR A 414 12.44 -11.74 13.14
C THR A 414 13.01 -12.82 14.09
N LYS A 415 14.25 -13.26 13.85
CA LYS A 415 14.86 -14.26 14.72
C LYS A 415 14.93 -13.81 16.18
N ALA A 416 14.78 -12.50 16.41
CA ALA A 416 14.86 -11.91 17.74
C ALA A 416 13.52 -11.72 18.44
N LEU A 417 12.41 -12.07 17.78
CA LEU A 417 11.06 -11.81 18.30
C LEU A 417 10.18 -13.05 18.36
N PRO A 418 9.22 -13.07 19.31
CA PRO A 418 8.21 -14.12 19.18
C PRO A 418 7.39 -13.87 17.92
N LYS A 419 6.85 -14.94 17.33
CA LYS A 419 6.04 -14.83 16.11
C LYS A 419 4.83 -13.90 16.26
N SER A 420 4.24 -13.85 17.45
CA SER A 420 3.07 -13.01 17.65
C SER A 420 3.38 -11.52 17.60
N ASP A 421 4.67 -11.17 17.65
CA ASP A 421 5.11 -9.76 17.72
C ASP A 421 5.15 -9.03 16.37
N TRP A 422 5.22 -9.79 15.29
CA TRP A 422 5.42 -9.18 13.97
C TRP A 422 4.52 -9.77 12.88
N GLY A 423 4.26 -8.94 11.86
CA GLY A 423 3.61 -9.38 10.63
C GLY A 423 4.27 -8.76 9.41
N MET A 424 3.62 -8.93 8.26
CA MET A 424 4.07 -8.31 7.02
C MET A 424 2.86 -7.65 6.37
N TYR A 425 3.11 -6.64 5.55
CA TYR A 425 2.07 -5.77 5.00
C TYR A 425 1.88 -6.03 3.51
N ILE A 426 0.72 -6.59 3.14
CA ILE A 426 0.44 -6.97 1.73
C ILE A 426 0.47 -5.80 0.69
N ASN A 427 0.43 -4.55 1.12
CA ASN A 427 0.66 -3.45 0.17
C ASN A 427 2.12 -3.32 -0.24
N TYR A 428 3.00 -3.95 0.55
CA TYR A 428 4.39 -4.10 0.17
C TYR A 428 4.63 -5.60 -0.12
N ALA A 429 3.86 -6.09 -1.08
CA ALA A 429 3.75 -7.52 -1.39
C ALA A 429 5.08 -8.21 -1.75
N ASP A 430 5.40 -9.26 -1.01
CA ASP A 430 6.61 -10.04 -1.18
C ASP A 430 6.26 -11.45 -1.69
N PRO A 431 6.44 -11.70 -2.99
CA PRO A 431 5.95 -12.99 -3.54
C PRO A 431 6.73 -14.23 -3.12
N ARG A 432 7.83 -14.08 -2.39
CA ARG A 432 8.69 -15.23 -2.08
C ARG A 432 8.29 -15.96 -0.77
N MET A 433 7.00 -16.27 -0.68
CA MET A 433 6.40 -16.97 0.45
C MET A 433 5.23 -17.77 -0.11
N ASP A 434 5.10 -19.04 0.30
CA ASP A 434 3.99 -19.87 -0.15
C ASP A 434 2.66 -19.33 0.40
N ARG A 435 1.56 -19.87 -0.11
CA ARG A 435 0.23 -19.32 0.17
C ARG A 435 -0.11 -19.33 1.66
N ASP A 436 0.31 -20.39 2.35
CA ASP A 436 -0.02 -20.51 3.76
C ASP A 436 0.78 -19.59 4.63
N TYR A 437 2.10 -19.59 4.45
CA TYR A 437 2.98 -18.73 5.21
C TYR A 437 2.63 -17.25 5.02
N ALA A 438 2.48 -16.84 3.75
CA ALA A 438 2.21 -15.44 3.44
C ALA A 438 0.92 -14.93 4.06
N THR A 439 -0.15 -15.72 3.97
CA THR A 439 -1.42 -15.28 4.55
C THR A 439 -1.44 -15.34 6.08
N LYS A 440 -0.56 -16.16 6.65
CA LYS A 440 -0.34 -16.15 8.09
C LYS A 440 0.22 -14.77 8.52
N VAL A 441 1.21 -14.27 7.78
CA VAL A 441 1.94 -13.06 8.16
C VAL A 441 1.28 -11.76 7.69
N TYR A 442 0.58 -11.82 6.56
CA TYR A 442 -0.19 -10.67 6.06
C TYR A 442 -1.43 -10.37 6.92
N TYR A 443 -2.06 -11.41 7.46
CA TYR A 443 -3.36 -11.23 8.10
C TYR A 443 -3.49 -11.54 9.60
N GLY A 444 -2.46 -12.13 10.20
CA GLY A 444 -2.34 -12.24 11.65
C GLY A 444 -3.55 -12.86 12.33
N GLU A 445 -4.01 -12.20 13.38
CA GLU A 445 -5.17 -12.68 14.16
C GLU A 445 -6.51 -12.67 13.39
N ASN A 446 -6.54 -12.04 12.22
CA ASN A 446 -7.75 -11.94 11.40
C ASN A 446 -7.88 -13.02 10.32
N LEU A 447 -6.85 -13.85 10.18
CA LEU A 447 -6.80 -14.88 9.13
C LEU A 447 -7.91 -15.95 9.20
N ALA A 448 -8.24 -16.41 10.41
CA ALA A 448 -9.29 -17.42 10.58
C ALA A 448 -10.67 -16.92 10.09
N ARG A 449 -11.01 -15.68 10.41
CA ARG A 449 -12.25 -15.06 9.93
C ARG A 449 -12.23 -14.82 8.42
N LEU A 450 -11.06 -14.46 7.88
CA LEU A 450 -10.90 -14.21 6.46
C LEU A 450 -11.13 -15.48 5.66
N GLN A 451 -10.55 -16.58 6.14
CA GLN A 451 -10.73 -17.90 5.51
C GLN A 451 -12.21 -18.35 5.43
N LYS A 452 -12.96 -18.13 6.51
CA LYS A 452 -14.40 -18.47 6.51
C LYS A 452 -15.19 -17.56 5.56
N LEU A 453 -14.86 -16.27 5.57
CA LEU A 453 -15.45 -15.32 4.65
C LEU A 453 -15.14 -15.68 3.19
N LYS A 454 -13.93 -16.17 2.95
CA LYS A 454 -13.47 -16.57 1.63
C LYS A 454 -14.28 -17.76 1.12
N ALA A 455 -14.67 -18.64 2.04
CA ALA A 455 -15.41 -19.85 1.72
C ALA A 455 -16.88 -19.50 1.44
N LYS A 456 -17.31 -18.34 1.88
CA LYS A 456 -18.64 -17.86 1.57
C LYS A 456 -18.66 -17.09 0.23
N PHE A 457 -17.71 -16.19 0.02
CA PHE A 457 -17.74 -15.31 -1.16
C PHE A 457 -16.94 -15.76 -2.39
N ASP A 458 -15.90 -16.58 -2.19
CA ASP A 458 -15.14 -17.14 -3.31
C ASP A 458 -14.77 -18.63 -3.09
N PRO A 459 -15.77 -19.52 -2.89
CA PRO A 459 -15.44 -20.95 -2.63
C PRO A 459 -14.62 -21.64 -3.73
N THR A 460 -14.87 -21.29 -4.99
CA THR A 460 -14.12 -21.90 -6.09
C THR A 460 -12.74 -21.27 -6.31
N ASP A 461 -12.46 -20.13 -5.65
CA ASP A 461 -11.16 -19.47 -5.78
C ASP A 461 -11.05 -18.88 -7.23
N ARG A 462 -12.14 -18.25 -7.67
CA ARG A 462 -12.25 -17.60 -8.97
CA ARG A 462 -12.19 -17.66 -9.00
C ARG A 462 -11.23 -16.46 -9.09
N PHE A 463 -10.96 -15.82 -7.96
CA PHE A 463 -10.06 -14.68 -7.88
C PHE A 463 -8.63 -15.06 -7.47
N TYR A 464 -8.31 -16.35 -7.65
CA TYR A 464 -7.02 -16.90 -7.21
C TYR A 464 -5.80 -16.03 -7.53
N TYR A 465 -4.96 -15.81 -6.52
CA TYR A 465 -3.55 -15.48 -6.76
C TYR A 465 -2.68 -16.23 -5.73
N PRO A 466 -1.37 -16.42 -6.04
CA PRO A 466 -0.55 -17.25 -5.15
C PRO A 466 -0.56 -16.90 -3.64
N GLN A 467 -0.99 -15.68 -3.26
CA GLN A 467 -1.05 -15.27 -1.84
C GLN A 467 -2.45 -14.83 -1.37
N ALA A 468 -3.47 -15.37 -2.04
CA ALA A 468 -4.85 -15.26 -1.61
C ALA A 468 -5.10 -16.09 -0.34
N VAL A 469 -6.01 -15.61 0.49
CA VAL A 469 -6.52 -16.34 1.63
C VAL A 469 -7.16 -17.65 1.12
N ARG A 470 -6.93 -18.78 1.79
CA ARG A 470 -7.57 -20.05 1.42
C ARG A 470 -9.02 -20.07 1.86
N PRO A 471 -9.91 -20.53 0.98
CA PRO A 471 -11.29 -20.76 1.46
C PRO A 471 -11.31 -21.97 2.40
N VAL A 472 -11.68 -21.74 3.66
CA VAL A 472 -11.77 -22.80 4.66
C VAL A 472 -13.09 -22.64 5.41
N LYS A 473 -13.97 -23.62 5.25
CA LYS A 473 -15.27 -23.59 5.91
C LYS A 473 -15.15 -24.11 7.34
C1 NAG B . 29.90 7.56 17.01
C2 NAG B . 30.95 7.45 18.11
C3 NAG B . 30.91 8.63 19.08
C4 NAG B . 30.96 9.91 18.28
C5 NAG B . 29.79 9.91 17.30
C6 NAG B . 29.74 11.25 16.58
C7 NAG B . 31.76 5.31 18.84
C8 NAG B . 32.95 5.61 17.96
N2 NAG B . 30.81 6.23 18.88
O3 NAG B . 32.02 8.59 19.94
O4 NAG B . 30.90 11.03 19.14
O5 NAG B . 29.95 8.83 16.40
O6 NAG B . 29.54 11.03 15.20
O7 NAG B . 31.70 4.25 19.46
C1 NAG B . 31.96 11.93 18.74
C2 NAG B . 31.72 13.35 19.22
C3 NAG B . 33.05 13.97 19.59
C4 NAG B . 33.61 13.15 20.75
C5 NAG B . 33.90 11.73 20.27
C6 NAG B . 33.59 10.67 21.34
C7 NAG B . 29.78 14.50 18.23
C8 NAG B . 29.25 15.28 17.08
N2 NAG B . 31.06 14.12 18.16
O3 NAG B . 32.90 15.32 19.98
O4 NAG B . 34.81 13.75 21.16
O5 NAG B . 33.27 11.44 19.04
O6 NAG B . 32.26 10.77 21.81
O7 NAG B . 29.05 14.23 19.18
PA FAD C . -2.75 -3.49 -8.35
O1A FAD C . -3.61 -2.99 -9.50
O2A FAD C . -1.47 -4.18 -8.80
O5B FAD C . -3.62 -4.40 -7.35
C5B FAD C . -3.10 -4.93 -6.15
C4B FAD C . -4.09 -5.98 -5.65
O4B FAD C . -5.39 -5.43 -5.58
C3B FAD C . -4.18 -7.18 -6.60
O3B FAD C . -4.46 -8.32 -5.84
C2B FAD C . -5.41 -6.85 -7.40
O2B FAD C . -6.01 -7.97 -8.01
C1B FAD C . -6.29 -6.18 -6.37
N9A FAD C . -7.26 -5.27 -6.97
C8A FAD C . -7.02 -4.29 -7.90
N7A FAD C . -8.19 -3.68 -8.17
C5A FAD C . -9.16 -4.24 -7.41
C6A FAD C . -10.55 -4.00 -7.30
N6A FAD C . -11.16 -3.05 -8.00
N1A FAD C . -11.27 -4.76 -6.41
C2A FAD C . -10.68 -5.75 -5.66
N3A FAD C . -9.32 -5.98 -5.80
C4A FAD C . -8.59 -5.25 -6.65
N1 FAD C . 1.73 1.71 0.02
C2 FAD C . 1.37 2.42 1.15
O2 FAD C . 0.63 1.94 2.00
N3 FAD C . 1.74 3.75 1.21
C4 FAD C . 2.59 4.38 0.34
O4 FAD C . 2.73 5.60 0.39
C4X FAD C . 2.90 3.62 -0.92
N5 FAD C . 3.70 4.12 -1.83
C5X FAD C . 3.86 3.47 -3.04
C6 FAD C . 4.48 4.13 -4.12
C7 FAD C . 4.65 3.45 -5.31
C7M FAD C . 5.41 4.11 -6.46
C8 FAD C . 4.16 2.11 -5.47
C8M FAD C . 4.27 1.39 -6.80
C9 FAD C . 3.50 1.50 -4.43
C9A FAD C . 3.35 2.16 -3.20
N10 FAD C . 2.69 1.55 -2.10
C10 FAD C . 2.38 2.29 -1.00
C1' FAD C . 2.21 0.14 -2.19
C2' FAD C . 0.81 0.15 -2.77
O2' FAD C . -0.08 0.77 -1.86
C3' FAD C . 0.36 -1.26 -3.16
O3' FAD C . 1.22 -1.71 -4.19
C4' FAD C . -1.10 -1.28 -3.63
O4' FAD C . -1.60 -2.58 -3.52
C5' FAD C . -1.21 -0.74 -5.05
O5' FAD C . -2.52 -0.80 -5.54
P FAD C . -2.78 -0.85 -7.13
O1P FAD C . -4.25 -0.67 -7.40
O2P FAD C . -1.97 0.20 -7.85
O3P FAD C . -2.23 -2.32 -7.40
ZN ZN D . 4.88 16.76 -15.07
ZN ZN E . 14.03 4.47 25.85
ZN ZN F . -7.31 14.32 -13.14
K K G . -1.26 -16.46 -21.58
C TRS H . -15.96 6.98 -17.51
C1 TRS H . -15.33 7.91 -18.54
C2 TRS H . -16.03 5.70 -18.30
C3 TRS H . -17.27 7.47 -16.88
N TRS H . -14.99 6.82 -16.45
O1 TRS H . -15.50 9.22 -18.08
O2 TRS H . -14.76 5.12 -18.26
O3 TRS H . -17.89 6.40 -16.18
#